data_7G9D
#
_entry.id   7G9D
#
_cell.length_a   70.693
_cell.length_b   70.693
_cell.length_c   195.486
_cell.angle_alpha   90.000
_cell.angle_beta   90.000
_cell.angle_gamma   90.000
#
_symmetry.space_group_name_H-M   'P 43 21 2'
#
loop_
_entity.id
_entity.type
_entity.pdbx_description
1 polymer 'Transforming protein RhoA'
2 polymer 'Rho guanine nucleotide exchange factor 2'
3 non-polymer 'DIMETHYL SULFOXIDE'
4 non-polymer 'FORMIC ACID'
5 non-polymer N-[3-(2-oxopyrrolidin-1-yl)phenyl]acetamide
6 water water
#
loop_
_entity_poly.entity_id
_entity_poly.type
_entity_poly.pdbx_seq_one_letter_code
_entity_poly.pdbx_strand_id
1 'polypeptide(L)'
;SMAAIRKKLVIVGDGACGKTCLLIVFSKDQFPEVYVPTVFENYVADIEVDGKQVELALWDTAGQEDYDRLRPLSYPDTDV
ILMCFSIDSPDSLENIPEKWTPEVKHFCPNVPIILVGNKKDLRNDEHTRRELAKMKQEPVKPEEGRDMANRIGAFGYMEC
SAKTKDGVREVFEMATRAALQARRG
;
A
2 'polypeptide(L)'
;SMEMDEKDFAADSWSLAVDSSFLQQHKKEVMKQQDVIYELIQTELHHVRTLKIMTRLFRTGMLEELHLEPGVVQGLFPCV
DELSDIHTRFLSQLLERRRQALCPGSTRNFVIHRLGDLLISQFSGPSAEQMCKTYSEFCSRHSKALKLYKELYARDKRFQ
QFIRKVTRPAVLKRHGVQECILLVTQRITKYPLLISRILQHSHGIEEERQDLTTALGLVKELLSNVDEGIYQLEKGARLQ
EIYNR
;
B
#
# COMPACT_ATOMS: atom_id res chain seq x y z
N ALA A 4 15.38 11.04 -17.48
CA ALA A 4 14.11 10.49 -17.00
C ALA A 4 13.46 11.35 -15.92
N ILE A 5 12.30 11.93 -16.26
CA ILE A 5 11.56 12.76 -15.32
C ILE A 5 10.68 11.93 -14.39
N ARG A 6 10.59 12.31 -13.11
CA ARG A 6 9.75 11.58 -12.16
C ARG A 6 8.33 12.16 -12.22
N LYS A 7 7.33 11.28 -12.22
CA LYS A 7 5.90 11.61 -12.28
C LYS A 7 5.15 10.75 -11.26
N LYS A 8 4.03 11.26 -10.72
CA LYS A 8 3.29 10.49 -9.73
C LYS A 8 1.88 10.11 -10.14
N LEU A 9 1.58 8.82 -10.00
CA LEU A 9 0.27 8.28 -10.31
C LEU A 9 -0.38 7.80 -9.04
N VAL A 10 -1.66 8.12 -8.86
CA VAL A 10 -2.45 7.62 -7.74
C VAL A 10 -3.71 6.96 -8.30
N ILE A 11 -4.15 5.85 -7.70
CA ILE A 11 -5.35 5.18 -8.16
CA ILE A 11 -5.36 5.17 -8.14
C ILE A 11 -6.44 5.27 -7.08
N VAL A 12 -7.61 5.76 -7.45
CA VAL A 12 -8.74 5.90 -6.54
C VAL A 12 -9.91 5.03 -7.04
N GLY A 13 -10.92 4.84 -6.18
CA GLY A 13 -12.07 4.02 -6.50
C GLY A 13 -12.54 3.20 -5.31
N ASP A 14 -13.75 2.62 -5.42
CA ASP A 14 -14.37 1.82 -4.36
C ASP A 14 -13.54 0.59 -3.99
N GLY A 15 -13.87 0.00 -2.84
CA GLY A 15 -13.20 -1.17 -2.29
C GLY A 15 -12.81 -2.25 -3.27
N ALA A 16 -13.79 -2.90 -3.91
CA ALA A 16 -13.47 -3.98 -4.85
C ALA A 16 -13.60 -3.58 -6.30
N CYS A 17 -12.94 -2.47 -6.67
CA CYS A 17 -12.92 -2.05 -8.07
C CYS A 17 -11.75 -2.71 -8.85
N GLY A 18 -10.84 -3.39 -8.13
CA GLY A 18 -9.69 -4.09 -8.69
C GLY A 18 -8.45 -3.24 -8.86
N LYS A 19 -8.36 -2.11 -8.13
CA LYS A 19 -7.21 -1.22 -8.27
CA LYS A 19 -7.20 -1.23 -8.26
C LYS A 19 -5.90 -1.84 -7.77
N THR A 20 -5.96 -2.68 -6.72
CA THR A 20 -4.74 -3.32 -6.21
C THR A 20 -4.27 -4.36 -7.22
N CYS A 21 -5.21 -5.18 -7.76
CA CYS A 21 -4.91 -6.20 -8.76
C CYS A 21 -4.23 -5.57 -10.00
N LEU A 22 -4.75 -4.41 -10.45
CA LEU A 22 -4.22 -3.71 -11.61
C LEU A 22 -2.79 -3.22 -11.41
N LEU A 23 -2.47 -2.69 -10.23
CA LEU A 23 -1.12 -2.21 -9.94
C LEU A 23 -0.13 -3.37 -9.84
N ILE A 24 -0.56 -4.52 -9.29
CA ILE A 24 0.28 -5.70 -9.12
C ILE A 24 0.59 -6.37 -10.46
N VAL A 25 -0.41 -6.46 -11.32
CA VAL A 25 -0.27 -7.07 -12.65
C VAL A 25 0.65 -6.21 -13.55
N PHE A 26 0.57 -4.89 -13.42
CA PHE A 26 1.42 -4.01 -14.16
C PHE A 26 2.86 -4.08 -13.63
N SER A 27 3.05 -3.93 -12.30
CA SER A 27 4.38 -3.96 -11.70
C SER A 27 5.07 -5.34 -11.78
N LYS A 28 4.31 -6.43 -11.99
CA LYS A 28 4.90 -7.75 -12.16
C LYS A 28 5.04 -8.16 -13.64
N ASP A 29 4.30 -7.47 -14.57
CA ASP A 29 4.21 -7.69 -16.03
C ASP A 29 3.19 -8.77 -16.40
N GLN A 30 3.01 -9.77 -15.53
CA GLN A 30 2.07 -10.86 -15.73
C GLN A 30 1.10 -11.03 -14.54
N PHE A 31 0.10 -11.92 -14.69
CA PHE A 31 -0.82 -12.23 -13.60
C PHE A 31 -0.09 -13.15 -12.63
N PRO A 32 -0.08 -12.82 -11.33
CA PRO A 32 0.63 -13.67 -10.35
C PRO A 32 0.15 -15.12 -10.35
N GLU A 33 0.99 -16.01 -10.90
CA GLU A 33 0.66 -17.43 -11.04
C GLU A 33 0.40 -18.19 -9.73
N VAL A 34 1.24 -17.99 -8.70
CA VAL A 34 1.11 -18.78 -7.47
C VAL A 34 0.36 -18.06 -6.34
N TYR A 35 0.60 -16.75 -6.15
CA TYR A 35 -0.04 -16.01 -5.07
C TYR A 35 -0.26 -14.56 -5.45
N VAL A 36 -1.48 -14.06 -5.29
CA VAL A 36 -1.76 -12.67 -5.56
C VAL A 36 -1.68 -11.95 -4.22
N PRO A 37 -0.81 -10.93 -4.10
CA PRO A 37 -0.68 -10.23 -2.81
C PRO A 37 -1.92 -9.44 -2.42
N THR A 38 -2.23 -9.40 -1.13
CA THR A 38 -3.35 -8.66 -0.56
C THR A 38 -3.13 -7.15 -0.72
N VAL A 39 -1.88 -6.70 -0.52
CA VAL A 39 -1.59 -5.27 -0.54
C VAL A 39 -0.52 -4.89 -1.58
N PHE A 40 -0.45 -3.59 -1.88
CA PHE A 40 0.52 -3.02 -2.80
C PHE A 40 1.20 -1.91 -2.00
N GLU A 41 2.52 -1.93 -1.91
CA GLU A 41 3.26 -0.91 -1.15
C GLU A 41 3.43 0.36 -2.00
N ASN A 42 4.25 0.25 -3.06
CA ASN A 42 4.54 1.27 -4.07
C ASN A 42 5.49 0.64 -5.13
N TYR A 43 5.67 1.35 -6.24
CA TYR A 43 6.54 0.90 -7.32
C TYR A 43 6.96 2.09 -8.14
N VAL A 44 8.19 2.09 -8.62
CA VAL A 44 8.71 3.14 -9.48
C VAL A 44 9.01 2.45 -10.79
N ALA A 45 8.16 2.68 -11.79
CA ALA A 45 8.25 2.04 -13.09
C ALA A 45 9.00 2.89 -14.08
N ASP A 46 9.88 2.28 -14.89
CA ASP A 46 10.57 3.01 -15.96
C ASP A 46 9.73 2.77 -17.19
N ILE A 47 9.11 3.82 -17.72
CA ILE A 47 8.21 3.69 -18.86
CA ILE A 47 8.23 3.66 -18.87
C ILE A 47 8.67 4.53 -20.05
N GLU A 48 8.82 3.90 -21.23
CA GLU A 48 9.22 4.62 -22.43
CA GLU A 48 9.23 4.57 -22.46
C GLU A 48 8.00 4.78 -23.33
N VAL A 49 7.37 5.97 -23.28
CA VAL A 49 6.19 6.24 -24.09
C VAL A 49 6.44 7.39 -25.05
N ASP A 50 6.18 7.16 -26.34
CA ASP A 50 6.34 8.13 -27.40
C ASP A 50 7.73 8.77 -27.43
N GLY A 51 8.74 7.98 -27.10
CA GLY A 51 10.14 8.41 -27.11
C GLY A 51 10.61 9.13 -25.86
N LYS A 52 9.82 9.12 -24.78
CA LYS A 52 10.20 9.77 -23.54
C LYS A 52 10.39 8.76 -22.44
N GLN A 53 11.51 8.88 -21.73
CA GLN A 53 11.82 7.99 -20.62
CA GLN A 53 11.84 8.00 -20.63
C GLN A 53 11.29 8.66 -19.37
N VAL A 54 10.32 8.02 -18.73
CA VAL A 54 9.69 8.54 -17.53
C VAL A 54 9.84 7.56 -16.36
N GLU A 55 9.84 8.08 -15.14
CA GLU A 55 9.85 7.30 -13.92
C GLU A 55 8.49 7.51 -13.30
N LEU A 56 7.57 6.57 -13.52
CA LEU A 56 6.22 6.67 -12.99
C LEU A 56 6.07 5.97 -11.59
N ALA A 57 5.86 6.76 -10.51
CA ALA A 57 5.65 6.25 -9.16
C ALA A 57 4.19 5.84 -9.00
N LEU A 58 3.93 4.60 -8.61
CA LEU A 58 2.60 4.02 -8.49
C LEU A 58 2.12 3.91 -7.05
N TRP A 59 0.94 4.46 -6.77
CA TRP A 59 0.38 4.46 -5.43
C TRP A 59 -1.06 3.98 -5.44
N ASP A 60 -1.49 3.46 -4.32
CA ASP A 60 -2.81 2.88 -4.16
C ASP A 60 -3.49 3.53 -2.94
N THR A 61 -4.80 3.69 -3.01
CA THR A 61 -5.57 4.19 -1.87
C THR A 61 -6.36 3.06 -1.16
N ALA A 62 -6.12 1.77 -1.51
CA ALA A 62 -6.82 0.66 -0.88
C ALA A 62 -6.51 0.60 0.61
N GLY A 63 -7.58 0.51 1.40
CA GLY A 63 -7.50 0.54 2.84
C GLY A 63 -7.83 1.91 3.41
N GLN A 64 -7.81 2.98 2.55
CA GLN A 64 -8.09 4.34 2.98
C GLN A 64 -9.52 4.82 2.72
N GLU A 65 -10.34 4.01 2.02
CA GLU A 65 -11.72 4.33 1.65
C GLU A 65 -12.59 4.87 2.78
N ASP A 66 -12.44 4.35 4.01
CA ASP A 66 -13.25 4.80 5.15
C ASP A 66 -12.56 5.87 6.01
N TYR A 67 -11.39 6.39 5.60
CA TYR A 67 -10.65 7.34 6.45
C TYR A 67 -10.44 8.67 5.73
N ASP A 68 -11.42 9.57 5.89
CA ASP A 68 -11.49 10.85 5.21
C ASP A 68 -10.37 11.81 5.52
N ARG A 69 -9.75 11.67 6.69
CA ARG A 69 -8.63 12.53 7.07
C ARG A 69 -7.29 11.91 6.69
N LEU A 70 -7.19 10.58 6.65
CA LEU A 70 -5.95 9.88 6.28
C LEU A 70 -5.73 9.88 4.77
N ARG A 71 -6.76 9.49 4.00
CA ARG A 71 -6.73 9.32 2.56
C ARG A 71 -6.12 10.47 1.76
N PRO A 72 -6.50 11.74 2.00
CA PRO A 72 -5.93 12.83 1.22
C PRO A 72 -4.43 12.99 1.29
N LEU A 73 -3.77 12.38 2.28
CA LEU A 73 -2.30 12.40 2.35
C LEU A 73 -1.64 11.58 1.20
N SER A 74 -2.45 10.88 0.38
CA SER A 74 -1.95 10.18 -0.79
C SER A 74 -1.85 11.12 -1.99
N TYR A 75 -2.58 12.25 -1.98
CA TYR A 75 -2.68 13.18 -3.09
C TYR A 75 -1.54 14.17 -3.34
N PRO A 76 -0.73 14.64 -2.36
CA PRO A 76 0.28 15.64 -2.68
C PRO A 76 1.25 15.28 -3.82
N ASP A 77 1.35 16.19 -4.81
CA ASP A 77 2.20 16.12 -6.00
C ASP A 77 1.75 15.08 -7.02
N THR A 78 0.44 14.79 -7.09
CA THR A 78 -0.04 13.84 -8.08
C THR A 78 -0.03 14.49 -9.47
N ASP A 79 0.40 13.73 -10.49
CA ASP A 79 0.48 14.18 -11.87
C ASP A 79 -0.58 13.51 -12.76
N VAL A 80 -1.10 12.35 -12.35
CA VAL A 80 -2.15 11.63 -13.07
C VAL A 80 -2.99 10.79 -12.12
N ILE A 81 -4.33 10.86 -12.25
CA ILE A 81 -5.21 10.11 -11.36
C ILE A 81 -5.90 9.02 -12.16
N LEU A 82 -5.95 7.78 -11.64
CA LEU A 82 -6.73 6.74 -12.31
C LEU A 82 -8.01 6.54 -11.54
N MET A 83 -9.14 6.97 -12.10
CA MET A 83 -10.42 6.81 -11.43
CA MET A 83 -10.45 6.82 -11.47
C MET A 83 -11.01 5.46 -11.83
N CYS A 84 -10.72 4.43 -11.02
CA CYS A 84 -11.14 3.07 -11.28
CA CYS A 84 -11.12 3.04 -11.23
C CYS A 84 -12.53 2.76 -10.76
N PHE A 85 -13.26 1.92 -11.52
CA PHE A 85 -14.59 1.39 -11.26
C PHE A 85 -14.67 -0.03 -11.82
N SER A 86 -15.50 -0.88 -11.23
CA SER A 86 -15.64 -2.26 -11.69
C SER A 86 -16.78 -2.39 -12.67
N ILE A 87 -16.53 -3.03 -13.83
CA ILE A 87 -17.55 -3.24 -14.87
C ILE A 87 -18.65 -4.22 -14.39
N ASP A 88 -18.34 -5.11 -13.45
CA ASP A 88 -19.34 -6.02 -12.87
C ASP A 88 -20.10 -5.39 -11.68
N SER A 89 -19.91 -4.09 -11.45
CA SER A 89 -20.54 -3.39 -10.35
C SER A 89 -21.02 -2.02 -10.80
N PRO A 90 -22.24 -1.95 -11.37
CA PRO A 90 -22.80 -0.65 -11.78
C PRO A 90 -22.94 0.36 -10.63
N ASP A 91 -22.97 -0.11 -9.37
CA ASP A 91 -23.04 0.78 -8.20
C ASP A 91 -21.72 1.52 -8.02
N SER A 92 -20.58 0.86 -8.32
CA SER A 92 -19.27 1.53 -8.21
C SER A 92 -19.11 2.67 -9.26
N LEU A 93 -19.91 2.67 -10.32
CA LEU A 93 -19.88 3.73 -11.32
C LEU A 93 -20.72 4.93 -10.85
N GLU A 94 -21.80 4.67 -10.07
CA GLU A 94 -22.68 5.71 -9.51
C GLU A 94 -21.94 6.59 -8.48
N ASN A 95 -20.87 6.05 -7.85
CA ASN A 95 -20.06 6.78 -6.88
C ASN A 95 -18.92 7.60 -7.52
N ILE A 96 -18.70 7.44 -8.82
CA ILE A 96 -17.70 8.20 -9.54
C ILE A 96 -18.06 9.70 -9.56
N PRO A 97 -19.31 10.13 -9.92
CA PRO A 97 -19.57 11.57 -10.02
C PRO A 97 -19.82 12.33 -8.72
N GLU A 98 -20.17 11.62 -7.62
CA GLU A 98 -20.50 12.31 -6.39
C GLU A 98 -19.63 11.94 -5.19
N LYS A 99 -18.85 10.86 -5.29
CA LYS A 99 -17.95 10.51 -4.21
C LYS A 99 -16.50 10.86 -4.56
N TRP A 100 -15.94 10.29 -5.64
CA TRP A 100 -14.52 10.47 -5.94
C TRP A 100 -14.19 11.70 -6.74
N THR A 101 -15.05 12.09 -7.69
CA THR A 101 -14.78 13.26 -8.50
C THR A 101 -14.68 14.55 -7.67
N PRO A 102 -15.63 14.91 -6.79
CA PRO A 102 -15.46 16.15 -6.00
C PRO A 102 -14.17 16.17 -5.17
N GLU A 103 -13.83 15.04 -4.52
CA GLU A 103 -12.64 14.91 -3.70
C GLU A 103 -11.38 15.08 -4.55
N VAL A 104 -11.30 14.40 -5.70
CA VAL A 104 -10.14 14.47 -6.59
C VAL A 104 -10.00 15.88 -7.19
N LYS A 105 -11.10 16.60 -7.43
CA LYS A 105 -11.00 17.95 -7.98
C LYS A 105 -10.67 18.99 -6.90
N HIS A 106 -11.01 18.72 -5.63
CA HIS A 106 -10.69 19.59 -4.49
C HIS A 106 -9.18 19.44 -4.15
N PHE A 107 -8.70 18.23 -3.87
CA PHE A 107 -7.29 18.02 -3.53
C PHE A 107 -6.35 18.06 -4.73
N CYS A 108 -6.84 17.71 -5.91
CA CYS A 108 -6.01 17.68 -7.11
C CYS A 108 -6.62 18.49 -8.25
N PRO A 109 -6.66 19.83 -8.15
CA PRO A 109 -7.20 20.62 -9.25
C PRO A 109 -6.23 20.59 -10.43
N ASN A 110 -6.75 20.55 -11.65
CA ASN A 110 -5.95 20.55 -12.87
C ASN A 110 -5.16 19.25 -13.18
N VAL A 111 -5.18 18.25 -12.30
CA VAL A 111 -4.50 16.98 -12.53
C VAL A 111 -5.35 16.09 -13.46
N PRO A 112 -4.79 15.60 -14.59
CA PRO A 112 -5.59 14.74 -15.50
C PRO A 112 -6.11 13.46 -14.86
N ILE A 113 -7.36 13.11 -15.14
CA ILE A 113 -8.02 11.91 -14.61
C ILE A 113 -8.34 10.96 -15.74
N ILE A 114 -8.00 9.68 -15.61
CA ILE A 114 -8.37 8.70 -16.63
C ILE A 114 -9.38 7.77 -15.98
N LEU A 115 -10.63 7.74 -16.48
CA LEU A 115 -11.64 6.84 -15.91
C LEU A 115 -11.37 5.46 -16.46
N VAL A 116 -11.01 4.51 -15.59
CA VAL A 116 -10.66 3.15 -16.01
C VAL A 116 -11.71 2.14 -15.57
N GLY A 117 -12.33 1.47 -16.55
CA GLY A 117 -13.29 0.42 -16.30
C GLY A 117 -12.57 -0.91 -16.19
N ASN A 118 -12.37 -1.37 -14.95
CA ASN A 118 -11.67 -2.63 -14.65
CA ASN A 118 -11.67 -2.64 -14.72
C ASN A 118 -12.61 -3.84 -14.75
N LYS A 119 -12.04 -5.06 -14.85
CA LYS A 119 -12.74 -6.34 -14.90
C LYS A 119 -13.62 -6.51 -16.12
N LYS A 120 -13.14 -6.07 -17.29
CA LYS A 120 -13.93 -6.15 -18.53
C LYS A 120 -14.18 -7.58 -19.00
N ASP A 121 -13.40 -8.55 -18.52
CA ASP A 121 -13.59 -9.96 -18.81
C ASP A 121 -14.95 -10.45 -18.26
N LEU A 122 -15.39 -9.89 -17.13
CA LEU A 122 -16.65 -10.24 -16.49
C LEU A 122 -17.90 -9.85 -17.28
N ARG A 123 -17.74 -9.12 -18.40
CA ARG A 123 -18.87 -8.82 -19.29
C ARG A 123 -19.42 -10.10 -19.95
N ASN A 124 -18.59 -11.16 -20.06
CA ASN A 124 -18.97 -12.45 -20.64
C ASN A 124 -18.86 -13.53 -19.55
N ASP A 125 -19.30 -13.22 -18.34
CA ASP A 125 -19.28 -14.17 -17.24
C ASP A 125 -20.71 -14.46 -16.88
N GLU A 126 -21.12 -15.74 -17.07
CA GLU A 126 -22.47 -16.21 -16.78
C GLU A 126 -22.85 -16.03 -15.33
N HIS A 127 -21.91 -16.22 -14.41
CA HIS A 127 -22.20 -16.06 -12.98
C HIS A 127 -22.39 -14.58 -12.64
N THR A 128 -21.61 -13.69 -13.25
CA THR A 128 -21.71 -12.25 -13.01
C THR A 128 -23.05 -11.72 -13.54
N ARG A 129 -23.47 -12.17 -14.72
CA ARG A 129 -24.73 -11.73 -15.31
C ARG A 129 -25.94 -12.29 -14.53
N ARG A 130 -25.82 -13.50 -13.97
CA ARG A 130 -26.90 -14.12 -13.19
C ARG A 130 -27.13 -13.37 -11.88
N GLU A 131 -26.05 -13.03 -11.18
CA GLU A 131 -26.15 -12.31 -9.91
C GLU A 131 -26.70 -10.90 -10.15
N LEU A 132 -26.22 -10.24 -11.23
CA LEU A 132 -26.67 -8.90 -11.58
C LEU A 132 -28.12 -8.87 -12.02
N ALA A 133 -28.63 -9.97 -12.64
CA ALA A 133 -30.03 -10.03 -13.07
C ALA A 133 -30.97 -10.00 -11.86
N LYS A 134 -30.61 -10.72 -10.78
CA LYS A 134 -31.36 -10.75 -9.53
C LYS A 134 -31.42 -9.37 -8.80
N MET A 135 -30.75 -8.36 -9.35
CA MET A 135 -30.69 -6.99 -8.86
C MET A 135 -31.32 -5.99 -9.85
N LYS A 136 -31.90 -6.47 -10.97
CA LYS A 136 -32.46 -5.66 -12.06
C LYS A 136 -31.31 -4.81 -12.62
N GLN A 137 -30.20 -5.48 -12.95
CA GLN A 137 -28.97 -4.85 -13.44
C GLN A 137 -28.23 -5.72 -14.45
N GLU A 138 -27.26 -5.12 -15.13
CA GLU A 138 -26.38 -5.76 -16.09
C GLU A 138 -24.98 -5.11 -16.02
N PRO A 139 -23.88 -5.77 -16.48
CA PRO A 139 -22.57 -5.12 -16.41
C PRO A 139 -22.50 -3.81 -17.19
N VAL A 140 -21.67 -2.86 -16.72
CA VAL A 140 -21.47 -1.54 -17.32
C VAL A 140 -21.18 -1.64 -18.80
N LYS A 141 -21.99 -0.98 -19.63
CA LYS A 141 -21.81 -1.03 -21.07
C LYS A 141 -20.72 -0.03 -21.49
N PRO A 142 -19.97 -0.30 -22.57
CA PRO A 142 -18.90 0.64 -22.96
C PRO A 142 -19.34 2.09 -23.08
N GLU A 143 -20.56 2.32 -23.62
CA GLU A 143 -21.17 3.63 -23.81
C GLU A 143 -21.47 4.33 -22.47
N GLU A 144 -21.79 3.56 -21.42
CA GLU A 144 -22.06 4.10 -20.10
C GLU A 144 -20.80 4.64 -19.45
N GLY A 145 -19.69 3.93 -19.65
CA GLY A 145 -18.39 4.34 -19.14
C GLY A 145 -17.91 5.59 -19.83
N ARG A 146 -18.13 5.71 -21.15
CA ARG A 146 -17.74 6.90 -21.88
C ARG A 146 -18.63 8.07 -21.48
N ASP A 147 -19.93 7.83 -21.29
CA ASP A 147 -20.83 8.88 -20.82
C ASP A 147 -20.44 9.38 -19.45
N MET A 148 -19.89 8.52 -18.59
CA MET A 148 -19.44 8.96 -17.27
C MET A 148 -18.17 9.79 -17.40
N ALA A 149 -17.20 9.32 -18.18
CA ALA A 149 -15.93 10.00 -18.42
C ALA A 149 -16.18 11.41 -18.98
N ASN A 150 -17.18 11.54 -19.86
CA ASN A 150 -17.51 12.82 -20.45
C ASN A 150 -18.19 13.73 -19.46
N ARG A 151 -19.09 13.20 -18.64
CA ARG A 151 -19.81 13.96 -17.64
C ARG A 151 -18.87 14.54 -16.57
N ILE A 152 -17.92 13.74 -16.10
CA ILE A 152 -17.00 14.20 -15.07
C ILE A 152 -15.77 14.97 -15.64
N GLY A 153 -15.74 15.21 -16.94
CA GLY A 153 -14.66 15.94 -17.59
C GLY A 153 -13.31 15.23 -17.51
N ALA A 154 -13.32 13.89 -17.59
CA ALA A 154 -12.11 13.09 -17.55
C ALA A 154 -11.25 13.28 -18.79
N PHE A 155 -9.95 13.15 -18.66
CA PHE A 155 -9.03 13.23 -19.79
C PHE A 155 -9.35 12.12 -20.84
N GLY A 156 -9.76 10.96 -20.37
CA GLY A 156 -10.14 9.86 -21.23
C GLY A 156 -10.86 8.76 -20.49
N TYR A 157 -11.25 7.71 -21.22
CA TYR A 157 -11.92 6.52 -20.72
C TYR A 157 -11.22 5.32 -21.34
N MET A 158 -10.88 4.34 -20.49
CA MET A 158 -10.20 3.13 -20.93
C MET A 158 -10.73 1.91 -20.19
N GLU A 159 -10.64 0.74 -20.82
CA GLU A 159 -11.05 -0.51 -20.19
C GLU A 159 -9.90 -1.48 -20.14
N CYS A 160 -9.90 -2.33 -19.12
CA CYS A 160 -8.87 -3.33 -19.00
C CYS A 160 -9.30 -4.53 -18.17
N SER A 161 -8.47 -5.55 -18.14
CA SER A 161 -8.74 -6.76 -17.41
C SER A 161 -7.46 -7.19 -16.70
N ALA A 162 -7.34 -7.00 -15.38
CA ALA A 162 -6.12 -7.45 -14.66
C ALA A 162 -5.96 -8.98 -14.70
N LYS A 163 -7.08 -9.72 -14.79
CA LYS A 163 -7.04 -11.18 -14.88
C LYS A 163 -6.38 -11.63 -16.21
N THR A 164 -6.89 -11.17 -17.35
CA THR A 164 -6.33 -11.57 -18.64
C THR A 164 -5.16 -10.68 -19.13
N LYS A 165 -4.81 -9.62 -18.36
CA LYS A 165 -3.77 -8.64 -18.70
C LYS A 165 -4.12 -7.77 -19.93
N ASP A 166 -5.36 -7.88 -20.46
CA ASP A 166 -5.76 -7.12 -21.63
C ASP A 166 -6.05 -5.66 -21.35
N GLY A 167 -5.29 -4.78 -21.97
CA GLY A 167 -5.44 -3.34 -21.84
C GLY A 167 -4.62 -2.69 -20.75
N VAL A 168 -4.01 -3.51 -19.86
CA VAL A 168 -3.23 -3.00 -18.73
C VAL A 168 -2.04 -2.09 -19.13
N ARG A 169 -1.15 -2.54 -20.05
CA ARG A 169 -0.02 -1.72 -20.49
C ARG A 169 -0.45 -0.40 -21.14
N GLU A 170 -1.55 -0.41 -21.89
CA GLU A 170 -2.04 0.80 -22.55
C GLU A 170 -2.56 1.86 -21.58
N VAL A 171 -3.10 1.43 -20.43
CA VAL A 171 -3.59 2.34 -19.40
C VAL A 171 -2.40 3.12 -18.79
N PHE A 172 -1.40 2.43 -18.29
CA PHE A 172 -0.23 3.04 -17.68
C PHE A 172 0.61 3.86 -18.67
N GLU A 173 0.58 3.50 -19.95
CA GLU A 173 1.28 4.26 -20.97
C GLU A 173 0.51 5.55 -21.24
N MET A 174 -0.82 5.48 -21.30
CA MET A 174 -1.66 6.66 -21.50
C MET A 174 -1.58 7.58 -20.27
N ALA A 175 -1.52 7.00 -19.07
CA ALA A 175 -1.39 7.77 -17.83
C ALA A 175 -0.11 8.61 -17.84
N THR A 176 0.99 8.03 -18.36
CA THR A 176 2.28 8.69 -18.47
C THR A 176 2.19 9.85 -19.44
N ARG A 177 1.51 9.64 -20.58
CA ARG A 177 1.32 10.68 -21.60
C ARG A 177 0.54 11.85 -21.01
N ALA A 178 -0.52 11.55 -20.25
CA ALA A 178 -1.37 12.54 -19.61
C ALA A 178 -0.62 13.31 -18.54
N ALA A 179 0.21 12.63 -17.74
CA ALA A 179 0.98 13.25 -16.67
C ALA A 179 2.02 14.23 -17.22
N LEU A 180 2.59 13.93 -18.39
CA LEU A 180 3.61 14.76 -19.04
C LEU A 180 3.06 16.11 -19.53
N GLN A 181 1.76 16.16 -19.87
CA GLN A 181 1.16 17.40 -20.38
C GLN A 181 1.04 18.49 -19.31
N ALA A 182 1.43 19.73 -19.69
CA ALA A 182 1.42 20.87 -18.79
C ALA A 182 1.02 22.17 -19.52
N SER B 1 17.92 -3.83 7.22
CA SER B 1 17.54 -5.24 7.30
CA SER B 1 17.54 -5.24 7.30
C SER B 1 18.75 -6.16 7.27
N MET B 2 18.64 -7.33 7.91
CA MET B 2 19.70 -8.32 7.98
C MET B 2 19.45 -9.49 7.02
N GLU B 3 20.51 -9.95 6.32
CA GLU B 3 20.53 -11.03 5.32
C GLU B 3 19.73 -12.28 5.69
N MET B 4 19.75 -12.65 6.97
CA MET B 4 19.04 -13.82 7.48
CA MET B 4 19.04 -13.82 7.47
C MET B 4 17.54 -13.65 7.26
N ASP B 5 16.99 -12.48 7.64
CA ASP B 5 15.57 -12.21 7.45
C ASP B 5 15.24 -11.96 5.97
N GLU B 6 16.11 -11.24 5.24
CA GLU B 6 15.96 -10.98 3.81
C GLU B 6 15.79 -12.28 3.03
N LYS B 7 16.59 -13.32 3.36
CA LYS B 7 16.49 -14.62 2.71
C LYS B 7 15.21 -15.36 3.09
N ASP B 8 14.86 -15.40 4.38
CA ASP B 8 13.62 -16.05 4.83
C ASP B 8 12.39 -15.46 4.16
N PHE B 9 12.42 -14.15 3.83
CA PHE B 9 11.31 -13.49 3.16
C PHE B 9 11.59 -13.07 1.74
N ALA B 10 12.59 -13.68 1.09
CA ALA B 10 12.92 -13.34 -0.30
C ALA B 10 11.84 -13.83 -1.25
N ALA B 11 11.36 -15.08 -1.05
CA ALA B 11 10.37 -15.71 -1.91
C ALA B 11 9.08 -14.95 -2.03
N ASP B 12 8.38 -15.13 -3.16
CA ASP B 12 7.14 -14.42 -3.42
C ASP B 12 5.96 -14.85 -2.58
N SER B 13 6.03 -16.01 -1.90
CA SER B 13 4.94 -16.51 -1.08
C SER B 13 5.43 -17.54 -0.06
N TRP B 14 4.54 -17.99 0.88
CA TRP B 14 4.89 -19.05 1.83
C TRP B 14 5.04 -20.35 1.05
N SER B 15 4.15 -20.64 0.07
CA SER B 15 4.24 -21.88 -0.69
CA SER B 15 4.19 -21.84 -0.76
C SER B 15 5.55 -22.02 -1.46
N LEU B 16 6.17 -20.89 -1.85
CA LEU B 16 7.46 -20.90 -2.56
C LEU B 16 8.66 -20.75 -1.60
N ALA B 17 8.42 -20.40 -0.33
CA ALA B 17 9.49 -20.22 0.64
C ALA B 17 9.87 -21.53 1.31
N VAL B 18 8.89 -22.39 1.57
CA VAL B 18 9.14 -23.69 2.19
C VAL B 18 9.60 -24.70 1.11
N ASP B 19 10.12 -25.87 1.50
CA ASP B 19 10.51 -26.90 0.54
C ASP B 19 9.22 -27.48 -0.08
N SER B 20 9.25 -27.85 -1.38
CA SER B 20 8.05 -28.41 -2.03
C SER B 20 7.53 -29.70 -1.39
N SER B 21 8.42 -30.53 -0.82
CA SER B 21 8.01 -31.75 -0.13
C SER B 21 7.30 -31.46 1.21
N PHE B 22 7.62 -30.31 1.84
CA PHE B 22 6.98 -29.85 3.08
C PHE B 22 5.60 -29.27 2.75
N LEU B 23 5.51 -28.51 1.64
CA LEU B 23 4.26 -27.91 1.16
C LEU B 23 3.27 -29.02 0.77
N GLN B 24 3.76 -30.10 0.12
CA GLN B 24 2.90 -31.18 -0.32
C GLN B 24 2.26 -31.98 0.82
N GLN B 25 2.80 -31.89 2.05
CA GLN B 25 2.22 -32.55 3.22
C GLN B 25 1.07 -31.72 3.87
N HIS B 26 0.64 -30.59 3.27
CA HIS B 26 -0.36 -29.72 3.91
C HIS B 26 -1.64 -29.50 3.11
N LYS B 27 -2.76 -29.28 3.82
CA LYS B 27 -4.05 -29.02 3.21
C LYS B 27 -4.03 -27.68 2.46
N LYS B 28 -4.87 -27.52 1.42
CA LYS B 28 -4.88 -26.29 0.64
C LYS B 28 -5.23 -25.06 1.46
N GLU B 29 -6.17 -25.18 2.39
CA GLU B 29 -6.57 -24.05 3.24
C GLU B 29 -5.42 -23.61 4.15
N VAL B 30 -4.58 -24.57 4.58
CA VAL B 30 -3.43 -24.26 5.40
C VAL B 30 -2.44 -23.45 4.56
N MET B 31 -2.22 -23.85 3.30
CA MET B 31 -1.34 -23.13 2.37
C MET B 31 -1.85 -21.71 2.09
N LYS B 32 -3.17 -21.54 1.92
CA LYS B 32 -3.75 -20.22 1.68
C LYS B 32 -3.65 -19.32 2.92
N GLN B 33 -3.89 -19.87 4.11
CA GLN B 33 -3.78 -19.13 5.36
C GLN B 33 -2.31 -18.70 5.60
N GLN B 34 -1.36 -19.64 5.43
CA GLN B 34 0.06 -19.35 5.65
C GLN B 34 0.62 -18.30 4.71
N ASP B 35 0.09 -18.24 3.49
CA ASP B 35 0.54 -17.27 2.49
C ASP B 35 0.24 -15.84 2.93
N VAL B 36 -0.97 -15.59 3.47
CA VAL B 36 -1.33 -14.24 3.93
C VAL B 36 -0.52 -13.89 5.20
N ILE B 37 -0.29 -14.87 6.11
CA ILE B 37 0.53 -14.63 7.30
C ILE B 37 1.95 -14.25 6.89
N TYR B 38 2.52 -14.98 5.91
CA TYR B 38 3.84 -14.70 5.37
C TYR B 38 3.90 -13.30 4.78
N GLU B 39 2.81 -12.86 4.12
CA GLU B 39 2.76 -11.52 3.56
C GLU B 39 2.72 -10.45 4.63
N LEU B 40 1.95 -10.65 5.71
CA LEU B 40 1.92 -9.70 6.83
C LEU B 40 3.34 -9.47 7.38
N ILE B 41 4.10 -10.57 7.56
CA ILE B 41 5.47 -10.51 8.09
C ILE B 41 6.44 -9.92 7.08
N GLN B 42 6.33 -10.33 5.82
CA GLN B 42 7.20 -9.81 4.75
C GLN B 42 7.05 -8.30 4.63
N THR B 43 5.79 -7.80 4.68
CA THR B 43 5.50 -6.36 4.58
C THR B 43 5.91 -5.61 5.86
N GLU B 44 5.88 -6.26 7.03
CA GLU B 44 6.32 -5.63 8.28
C GLU B 44 7.84 -5.45 8.28
N LEU B 45 8.55 -6.41 7.71
CA LEU B 45 10.00 -6.40 7.53
C LEU B 45 10.35 -5.22 6.61
N HIS B 46 9.59 -5.04 5.48
CA HIS B 46 9.78 -3.93 4.55
C HIS B 46 9.49 -2.61 5.21
N HIS B 47 8.44 -2.55 6.04
CA HIS B 47 8.06 -1.35 6.78
C HIS B 47 9.17 -0.95 7.73
N VAL B 48 9.74 -1.92 8.51
CA VAL B 48 10.84 -1.60 9.43
C VAL B 48 12.08 -1.13 8.67
N ARG B 49 12.33 -1.70 7.47
CA ARG B 49 13.44 -1.34 6.59
C ARG B 49 13.27 0.10 6.10
N THR B 50 12.02 0.50 5.78
CA THR B 50 11.70 1.87 5.36
C THR B 50 12.05 2.82 6.49
N LEU B 51 11.68 2.47 7.73
CA LEU B 51 11.95 3.31 8.89
C LEU B 51 13.44 3.42 9.19
N LYS B 52 14.21 2.34 8.94
CA LYS B 52 15.65 2.33 9.13
C LYS B 52 16.36 3.19 8.08
N ILE B 53 15.81 3.27 6.86
CA ILE B 53 16.37 4.13 5.82
C ILE B 53 16.18 5.59 6.26
N MET B 54 14.96 5.95 6.72
CA MET B 54 14.67 7.30 7.20
C MET B 54 15.55 7.70 8.34
N THR B 55 15.78 6.81 9.34
CA THR B 55 16.61 7.13 10.50
C THR B 55 18.14 7.14 10.24
N ARG B 56 18.68 6.04 9.71
CA ARG B 56 20.13 5.91 9.57
C ARG B 56 20.70 6.53 8.32
N LEU B 57 19.98 6.45 7.20
CA LEU B 57 20.51 6.95 5.95
C LEU B 57 20.15 8.39 5.69
N PHE B 58 18.89 8.78 5.88
CA PHE B 58 18.50 10.16 5.65
C PHE B 58 18.73 11.07 6.88
N ARG B 59 18.06 10.79 8.00
CA ARG B 59 18.12 11.59 9.22
C ARG B 59 19.52 11.76 9.77
N THR B 60 20.24 10.65 10.01
CA THR B 60 21.60 10.64 10.52
C THR B 60 22.59 11.26 9.51
N GLY B 61 22.39 10.97 8.24
CA GLY B 61 23.22 11.50 7.16
C GLY B 61 23.21 13.01 7.12
N MET B 62 22.03 13.62 7.26
CA MET B 62 21.89 15.08 7.25
C MET B 62 22.54 15.69 8.49
N LEU B 63 22.40 15.03 9.66
CA LEU B 63 22.99 15.55 10.89
C LEU B 63 24.51 15.51 10.80
N GLU B 64 25.06 14.43 10.24
CA GLU B 64 26.49 14.26 10.16
C GLU B 64 27.17 14.92 8.97
N GLU B 65 26.41 15.31 7.93
CA GLU B 65 27.02 15.89 6.74
C GLU B 65 26.52 17.26 6.35
N LEU B 66 25.43 17.73 6.95
CA LEU B 66 24.88 19.05 6.62
C LEU B 66 24.85 20.00 7.81
N HIS B 67 24.93 21.30 7.52
CA HIS B 67 24.87 22.33 8.55
C HIS B 67 23.40 22.76 8.72
N LEU B 68 22.51 21.79 8.96
CA LEU B 68 21.09 22.08 9.15
C LEU B 68 20.76 22.05 10.63
N GLU B 69 19.85 22.95 11.07
CA GLU B 69 19.40 22.96 12.46
C GLU B 69 18.66 21.63 12.76
N PRO B 70 18.86 21.02 13.95
CA PRO B 70 18.16 19.76 14.25
C PRO B 70 16.64 19.87 14.21
N GLY B 71 16.11 21.09 14.30
CA GLY B 71 14.69 21.36 14.22
C GLY B 71 14.14 21.20 12.82
N VAL B 72 15.00 21.45 11.80
CA VAL B 72 14.69 21.27 10.40
C VAL B 72 14.63 19.76 10.11
N VAL B 73 15.60 19.00 10.63
CA VAL B 73 15.66 17.55 10.48
C VAL B 73 14.47 16.87 11.21
N GLN B 74 14.04 17.46 12.34
CA GLN B 74 12.88 17.05 13.13
C GLN B 74 11.59 17.20 12.30
N GLY B 75 11.51 18.30 11.55
CA GLY B 75 10.38 18.59 10.67
C GLY B 75 10.36 17.68 9.46
N LEU B 76 11.52 17.25 8.98
CA LEU B 76 11.63 16.36 7.84
C LEU B 76 11.27 14.93 8.21
N PHE B 77 11.69 14.47 9.39
CA PHE B 77 11.47 13.09 9.84
C PHE B 77 10.78 13.03 11.21
N PRO B 78 9.50 13.43 11.29
CA PRO B 78 8.81 13.41 12.60
C PRO B 78 8.55 12.01 13.11
N CYS B 79 8.65 11.81 14.44
CA CYS B 79 8.37 10.56 15.17
C CYS B 79 9.03 9.31 14.59
N VAL B 80 10.10 9.43 13.78
CA VAL B 80 10.72 8.27 13.16
CA VAL B 80 10.71 8.29 13.14
C VAL B 80 11.40 7.36 14.16
N ASP B 81 11.96 7.91 15.26
CA ASP B 81 12.60 7.07 16.28
C ASP B 81 11.55 6.27 17.02
N GLU B 82 10.43 6.90 17.37
CA GLU B 82 9.35 6.21 18.08
CA GLU B 82 9.34 6.23 18.07
C GLU B 82 8.72 5.14 17.19
N LEU B 83 8.44 5.48 15.90
CA LEU B 83 7.86 4.53 14.93
C LEU B 83 8.82 3.35 14.74
N SER B 84 10.14 3.62 14.70
CA SER B 84 11.13 2.58 14.57
C SER B 84 11.07 1.63 15.76
N ASP B 85 11.02 2.17 16.99
CA ASP B 85 10.90 1.37 18.21
C ASP B 85 9.63 0.50 18.24
N ILE B 86 8.45 1.09 17.91
CA ILE B 86 7.15 0.42 17.91
C ILE B 86 7.07 -0.77 16.94
N HIS B 87 7.46 -0.57 15.68
CA HIS B 87 7.41 -1.59 14.65
C HIS B 87 8.52 -2.61 14.74
N THR B 88 9.75 -2.22 15.16
CA THR B 88 10.87 -3.17 15.30
C THR B 88 10.58 -4.22 16.37
N ARG B 89 9.88 -3.82 17.46
CA ARG B 89 9.44 -4.73 18.50
C ARG B 89 8.30 -5.64 17.97
N PHE B 90 7.45 -5.13 17.04
CA PHE B 90 6.37 -5.91 16.46
C PHE B 90 6.96 -6.98 15.52
N LEU B 91 7.93 -6.57 14.68
CA LEU B 91 8.64 -7.46 13.75
C LEU B 91 9.34 -8.56 14.58
N SER B 92 9.95 -8.19 15.74
CA SER B 92 10.61 -9.13 16.63
CA SER B 92 10.63 -9.18 16.58
C SER B 92 9.66 -10.27 17.04
N GLN B 93 8.46 -9.90 17.51
CA GLN B 93 7.46 -10.85 17.96
C GLN B 93 6.96 -11.73 16.84
N LEU B 94 6.77 -11.17 15.63
CA LEU B 94 6.35 -11.93 14.46
C LEU B 94 7.46 -12.91 14.04
N LEU B 95 8.73 -12.46 13.97
CA LEU B 95 9.88 -13.30 13.58
C LEU B 95 10.20 -14.44 14.52
N GLU B 96 9.93 -14.26 15.84
CA GLU B 96 10.15 -15.29 16.85
C GLU B 96 9.01 -16.31 16.83
N ARG B 97 7.79 -15.87 16.48
CA ARG B 97 6.61 -16.73 16.32
C ARG B 97 6.85 -17.70 15.15
N ARG B 98 7.48 -17.20 14.06
CA ARG B 98 7.87 -18.00 12.88
C ARG B 98 9.00 -18.98 13.25
N ARG B 99 9.98 -18.53 14.06
CA ARG B 99 11.12 -19.36 14.46
CA ARG B 99 11.12 -19.36 14.46
C ARG B 99 10.67 -20.51 15.34
N GLN B 100 9.75 -20.25 16.28
CA GLN B 100 9.18 -21.26 17.18
C GLN B 100 8.44 -22.32 16.34
N ALA B 101 7.75 -21.87 15.27
CA ALA B 101 6.97 -22.70 14.36
C ALA B 101 7.80 -23.61 13.43
N LEU B 102 9.11 -23.33 13.29
CA LEU B 102 10.00 -24.09 12.41
C LEU B 102 10.08 -25.57 12.80
N CYS B 103 10.22 -26.43 11.79
CA CYS B 103 10.41 -27.85 12.03
C CYS B 103 11.82 -28.06 12.48
N PRO B 104 12.04 -28.94 13.47
CA PRO B 104 13.41 -29.21 13.92
C PRO B 104 14.22 -29.82 12.77
N GLY B 105 15.32 -29.17 12.44
CA GLY B 105 16.16 -29.58 11.32
C GLY B 105 16.04 -28.67 10.11
N SER B 106 15.13 -27.69 10.15
CA SER B 106 14.92 -26.79 9.02
C SER B 106 14.92 -25.33 9.42
N THR B 107 15.31 -24.46 8.51
CA THR B 107 15.27 -23.01 8.73
C THR B 107 14.24 -22.29 7.82
N ARG B 108 13.49 -23.04 6.99
CA ARG B 108 12.51 -22.45 6.09
C ARG B 108 11.12 -23.08 6.19
N ASN B 109 11.02 -24.31 6.69
CA ASN B 109 9.75 -25.00 6.84
C ASN B 109 9.05 -24.67 8.16
N PHE B 110 7.90 -23.98 8.10
CA PHE B 110 7.14 -23.61 9.29
C PHE B 110 5.66 -23.44 8.98
N VAL B 111 4.81 -23.61 9.99
CA VAL B 111 3.37 -23.39 9.94
C VAL B 111 2.97 -22.65 11.23
N ILE B 112 2.54 -21.39 11.14
CA ILE B 112 2.11 -20.63 12.31
C ILE B 112 0.64 -20.94 12.61
N HIS B 113 0.36 -21.55 13.76
CA HIS B 113 -1.01 -21.88 14.15
C HIS B 113 -1.68 -20.80 14.99
N ARG B 114 -0.90 -19.99 15.71
N ARG B 114 -0.88 -19.99 15.71
CA ARG B 114 -1.45 -18.92 16.54
CA ARG B 114 -1.42 -18.92 16.54
C ARG B 114 -0.82 -17.60 16.18
C ARG B 114 -0.80 -17.59 16.17
N LEU B 115 -1.64 -16.65 15.73
N LEU B 115 -1.63 -16.64 15.73
CA LEU B 115 -1.18 -15.32 15.35
CA LEU B 115 -1.18 -15.31 15.34
C LEU B 115 -2.00 -14.25 16.08
C LEU B 115 -2.00 -14.24 16.07
N GLY B 116 -3.31 -14.47 16.16
CA GLY B 116 -4.26 -13.56 16.81
C GLY B 116 -3.88 -12.97 18.13
N ASP B 117 -3.33 -13.76 19.08
CA ASP B 117 -2.91 -13.29 20.40
CA ASP B 117 -2.96 -13.22 20.39
C ASP B 117 -1.86 -12.17 20.29
N LEU B 118 -0.91 -12.34 19.37
CA LEU B 118 0.17 -11.39 19.13
C LEU B 118 -0.42 -10.09 18.58
N LEU B 119 -1.43 -10.18 17.70
CA LEU B 119 -2.12 -9.04 17.12
C LEU B 119 -3.01 -8.34 18.15
N ILE B 120 -3.56 -9.08 19.12
CA ILE B 120 -4.36 -8.48 20.19
C ILE B 120 -3.44 -7.69 21.14
N SER B 121 -2.29 -8.25 21.53
CA SER B 121 -1.36 -7.55 22.40
CA SER B 121 -1.36 -7.54 22.41
C SER B 121 -0.85 -6.26 21.77
N GLN B 122 -0.59 -6.30 20.46
CA GLN B 122 -0.09 -5.15 19.72
C GLN B 122 -1.14 -4.05 19.57
N PHE B 123 -2.36 -4.43 19.19
CA PHE B 123 -3.39 -3.45 18.91
C PHE B 123 -4.34 -3.18 20.09
N SER B 124 -3.90 -3.46 21.32
CA SER B 124 -4.71 -3.17 22.51
C SER B 124 -3.87 -2.58 23.65
N GLY B 125 -4.55 -1.89 24.56
CA GLY B 125 -3.92 -1.35 25.77
C GLY B 125 -2.90 -0.27 25.58
N PRO B 126 -1.83 -0.28 26.40
CA PRO B 126 -0.80 0.76 26.28
C PRO B 126 -0.11 0.79 24.92
N SER B 127 0.22 -0.37 24.32
CA SER B 127 0.88 -0.38 23.01
C SER B 127 0.03 0.28 21.94
N ALA B 128 -1.30 0.04 21.97
CA ALA B 128 -2.18 0.65 20.97
C ALA B 128 -2.27 2.14 21.19
N GLU B 129 -2.31 2.59 22.46
CA GLU B 129 -2.38 4.01 22.81
C GLU B 129 -1.14 4.72 22.27
N GLN B 130 0.06 4.19 22.53
CA GLN B 130 1.30 4.79 22.05
CA GLN B 130 1.34 4.72 22.06
C GLN B 130 1.38 4.85 20.53
N MET B 131 0.85 3.83 19.83
CA MET B 131 0.82 3.74 18.38
C MET B 131 -0.20 4.70 17.76
N CYS B 132 -1.35 4.88 18.43
CA CYS B 132 -2.42 5.79 18.00
C CYS B 132 -1.94 7.23 18.15
N LYS B 133 -1.29 7.53 19.26
CA LYS B 133 -0.77 8.87 19.53
C LYS B 133 0.42 9.20 18.60
N THR B 134 1.23 8.18 18.22
CA THR B 134 2.37 8.37 17.32
C THR B 134 1.93 8.55 15.87
N TYR B 135 0.94 7.76 15.42
CA TYR B 135 0.46 7.85 14.03
C TYR B 135 -0.38 9.10 13.80
N SER B 136 -1.10 9.60 14.84
CA SER B 136 -1.85 10.84 14.74
C SER B 136 -0.87 11.98 14.55
N GLU B 137 0.21 11.99 15.34
CA GLU B 137 1.23 13.02 15.27
CA GLU B 137 1.21 13.05 15.24
C GLU B 137 1.91 12.96 13.89
N PHE B 138 2.45 11.78 13.51
CA PHE B 138 3.12 11.63 12.22
C PHE B 138 2.28 12.16 11.03
N CYS B 139 1.03 11.72 10.93
CA CYS B 139 0.13 12.09 9.87
C CYS B 139 -0.27 13.54 9.87
N SER B 140 -0.28 14.20 11.04
CA SER B 140 -0.55 15.64 11.15
C SER B 140 0.67 16.46 10.76
N ARG B 141 1.88 15.91 10.92
CA ARG B 141 3.10 16.58 10.52
C ARG B 141 3.59 16.17 9.10
N HIS B 142 2.93 15.18 8.47
CA HIS B 142 3.24 14.65 7.14
C HIS B 142 3.29 15.74 6.03
N SER B 143 2.25 16.59 5.86
CA SER B 143 2.27 17.61 4.82
CA SER B 143 2.26 17.62 4.82
C SER B 143 3.39 18.63 5.02
N LYS B 144 3.59 19.09 6.26
CA LYS B 144 4.64 20.05 6.61
C LYS B 144 6.02 19.46 6.27
N ALA B 145 6.20 18.12 6.45
CA ALA B 145 7.43 17.38 6.16
C ALA B 145 7.73 17.37 4.68
N LEU B 146 6.70 17.10 3.83
CA LEU B 146 6.85 17.12 2.36
C LEU B 146 7.19 18.52 1.88
N LYS B 147 6.52 19.54 2.42
CA LYS B 147 6.79 20.92 2.02
C LYS B 147 8.21 21.37 2.37
N LEU B 148 8.63 21.14 3.62
CA LEU B 148 9.95 21.48 4.13
C LEU B 148 11.05 20.88 3.28
N TYR B 149 10.85 19.64 2.79
CA TYR B 149 11.80 18.92 1.93
C TYR B 149 11.93 19.62 0.59
N LYS B 150 10.79 19.96 -0.02
CA LYS B 150 10.76 20.63 -1.31
C LYS B 150 11.44 21.98 -1.25
N GLU B 151 11.30 22.72 -0.14
CA GLU B 151 11.93 24.02 0.03
CA GLU B 151 11.94 24.01 -0.02
C GLU B 151 13.44 23.86 0.13
N LEU B 152 13.89 22.88 0.90
CA LEU B 152 15.31 22.62 1.08
C LEU B 152 15.96 22.18 -0.23
N TYR B 153 15.26 21.35 -1.01
CA TYR B 153 15.76 20.88 -2.30
C TYR B 153 15.81 22.02 -3.33
N ALA B 154 14.86 22.95 -3.26
CA ALA B 154 14.83 24.07 -4.21
C ALA B 154 15.59 25.32 -3.76
N ARG B 155 16.32 25.27 -2.64
CA ARG B 155 17.07 26.43 -2.17
CA ARG B 155 17.06 26.44 -2.15
C ARG B 155 18.52 26.10 -1.82
N ASP B 156 18.75 24.99 -1.09
CA ASP B 156 20.09 24.56 -0.71
C ASP B 156 20.73 23.66 -1.77
N LYS B 157 21.94 24.02 -2.25
CA LYS B 157 22.65 23.23 -3.26
C LYS B 157 23.34 22.01 -2.65
N ARG B 158 23.80 22.12 -1.39
CA ARG B 158 24.46 21.00 -0.70
C ARG B 158 23.45 19.94 -0.25
N PHE B 159 22.22 20.37 0.12
CA PHE B 159 21.14 19.45 0.47
C PHE B 159 20.76 18.65 -0.78
N GLN B 160 20.65 19.34 -1.94
CA GLN B 160 20.34 18.74 -3.23
C GLN B 160 21.36 17.64 -3.57
N GLN B 161 22.65 17.92 -3.34
CA GLN B 161 23.71 16.99 -3.62
C GLN B 161 23.67 15.80 -2.66
N PHE B 162 23.30 16.04 -1.39
CA PHE B 162 23.17 14.97 -0.41
C PHE B 162 22.11 13.97 -0.85
N ILE B 163 20.94 14.47 -1.25
CA ILE B 163 19.84 13.64 -1.69
C ILE B 163 20.19 12.83 -2.92
N ARG B 164 20.83 13.44 -3.93
CA ARG B 164 21.26 12.75 -5.15
C ARG B 164 22.23 11.63 -4.81
N LYS B 165 23.16 11.90 -3.91
CA LYS B 165 24.17 10.95 -3.51
C LYS B 165 23.61 9.73 -2.76
N VAL B 166 22.81 9.93 -1.70
CA VAL B 166 22.29 8.81 -0.92
C VAL B 166 21.20 7.97 -1.63
N THR B 167 20.45 8.56 -2.57
CA THR B 167 19.38 7.85 -3.30
C THR B 167 19.81 7.17 -4.60
N ARG B 168 21.10 7.31 -4.99
CA ARG B 168 21.74 6.72 -6.16
C ARG B 168 21.64 5.18 -6.24
N PRO B 169 21.84 4.39 -5.15
CA PRO B 169 21.69 2.93 -5.27
C PRO B 169 20.34 2.47 -5.86
N ALA B 170 20.36 1.31 -6.54
CA ALA B 170 19.15 0.75 -7.14
C ALA B 170 18.17 0.35 -6.03
N VAL B 171 18.68 -0.20 -4.91
CA VAL B 171 17.83 -0.58 -3.78
C VAL B 171 16.97 0.56 -3.26
N LEU B 172 17.37 1.83 -3.50
CA LEU B 172 16.59 2.98 -3.04
C LEU B 172 15.72 3.62 -4.11
N LYS B 173 15.38 2.89 -5.17
CA LYS B 173 14.57 3.43 -6.28
C LYS B 173 13.20 3.94 -5.82
N ARG B 174 12.46 3.12 -5.05
CA ARG B 174 11.15 3.53 -4.53
C ARG B 174 11.21 4.01 -3.09
N HIS B 175 12.38 4.43 -2.61
CA HIS B 175 12.55 4.80 -1.22
C HIS B 175 13.17 6.18 -1.00
N GLY B 176 12.72 7.18 -1.75
CA GLY B 176 13.16 8.56 -1.52
C GLY B 176 12.54 9.13 -0.27
N VAL B 177 12.90 10.37 0.12
CA VAL B 177 12.37 10.99 1.34
C VAL B 177 10.84 11.03 1.37
N GLN B 178 10.23 11.56 0.29
CA GLN B 178 8.78 11.67 0.16
C GLN B 178 8.11 10.32 -0.01
N GLU B 179 8.77 9.34 -0.67
CA GLU B 179 8.17 8.00 -0.77
C GLU B 179 8.12 7.36 0.61
N CYS B 180 9.20 7.49 1.39
CA CYS B 180 9.26 6.95 2.74
C CYS B 180 8.14 7.50 3.62
N ILE B 181 7.88 8.81 3.59
CA ILE B 181 6.80 9.40 4.40
C ILE B 181 5.42 8.81 4.06
N LEU B 182 5.11 8.67 2.76
CA LEU B 182 3.81 8.13 2.34
C LEU B 182 3.73 6.63 2.61
N LEU B 183 4.83 5.88 2.39
CA LEU B 183 4.89 4.45 2.70
C LEU B 183 4.53 4.18 4.18
N VAL B 184 4.94 5.10 5.08
CA VAL B 184 4.69 5.01 6.52
C VAL B 184 3.21 5.32 6.85
N THR B 185 2.67 6.40 6.27
CA THR B 185 1.29 6.84 6.48
C THR B 185 0.30 5.77 5.99
N GLN B 186 0.61 5.12 4.85
CA GLN B 186 -0.24 4.09 4.25
C GLN B 186 -0.19 2.73 4.98
N ARG B 187 0.84 2.51 5.82
CA ARG B 187 1.03 1.25 6.53
C ARG B 187 -0.12 0.83 7.42
N ILE B 188 -0.64 1.72 8.27
CA ILE B 188 -1.72 1.36 9.21
C ILE B 188 -2.99 0.90 8.51
N THR B 189 -3.26 1.42 7.30
CA THR B 189 -4.44 0.99 6.55
C THR B 189 -4.25 -0.37 5.84
N LYS B 190 -3.04 -0.96 5.88
CA LYS B 190 -2.80 -2.27 5.29
C LYS B 190 -3.22 -3.38 6.24
N TYR B 191 -3.09 -3.18 7.57
CA TYR B 191 -3.39 -4.24 8.56
C TYR B 191 -4.81 -4.81 8.49
N PRO B 192 -5.91 -4.02 8.41
CA PRO B 192 -7.24 -4.64 8.32
C PRO B 192 -7.38 -5.47 7.06
N LEU B 193 -6.74 -5.06 5.95
CA LEU B 193 -6.81 -5.83 4.72
CA LEU B 193 -6.81 -5.83 4.72
C LEU B 193 -6.12 -7.19 4.92
N LEU B 194 -4.90 -7.20 5.47
CA LEU B 194 -4.15 -8.42 5.72
C LEU B 194 -4.82 -9.34 6.74
N ILE B 195 -5.31 -8.77 7.85
CA ILE B 195 -5.95 -9.53 8.93
C ILE B 195 -7.29 -10.13 8.49
N SER B 196 -8.09 -9.42 7.65
CA SER B 196 -9.36 -9.95 7.18
CA SER B 196 -9.37 -9.95 7.20
CA SER B 196 -9.37 -9.94 7.16
C SER B 196 -9.16 -11.18 6.31
N ARG B 197 -8.11 -11.18 5.46
CA ARG B 197 -7.79 -12.30 4.57
C ARG B 197 -7.23 -13.49 5.39
N ILE B 198 -6.50 -13.22 6.49
CA ILE B 198 -6.00 -14.28 7.37
C ILE B 198 -7.19 -14.92 8.08
N LEU B 199 -8.09 -14.08 8.61
CA LEU B 199 -9.32 -14.47 9.31
C LEU B 199 -10.24 -15.30 8.40
N GLN B 200 -10.25 -14.97 7.10
CA GLN B 200 -11.03 -15.64 6.08
C GLN B 200 -10.57 -17.11 5.84
N HIS B 201 -9.33 -17.46 6.25
CA HIS B 201 -8.80 -18.82 6.09
C HIS B 201 -8.39 -19.43 7.45
N SER B 202 -9.01 -18.97 8.55
CA SER B 202 -8.66 -19.48 9.88
C SER B 202 -9.89 -19.91 10.65
N HIS B 203 -10.83 -20.56 9.96
CA HIS B 203 -12.05 -21.05 10.61
C HIS B 203 -11.90 -22.49 11.16
N GLY B 204 -10.68 -23.04 11.17
CA GLY B 204 -10.43 -24.36 11.73
C GLY B 204 -10.54 -24.33 13.24
N ILE B 205 -9.50 -23.80 13.92
CA ILE B 205 -9.50 -23.66 15.38
CA ILE B 205 -9.52 -23.68 15.38
C ILE B 205 -10.39 -22.47 15.73
N GLU B 206 -11.38 -22.64 16.62
CA GLU B 206 -12.31 -21.55 16.97
C GLU B 206 -11.70 -20.44 17.84
N GLU B 207 -10.80 -20.77 18.78
CA GLU B 207 -10.14 -19.73 19.58
C GLU B 207 -9.23 -18.83 18.72
N GLU B 208 -8.82 -19.29 17.52
CA GLU B 208 -8.02 -18.54 16.56
C GLU B 208 -8.92 -17.66 15.69
N ARG B 209 -10.06 -18.20 15.26
CA ARG B 209 -11.04 -17.44 14.49
C ARG B 209 -11.57 -16.25 15.32
N GLN B 210 -11.66 -16.41 16.65
CA GLN B 210 -12.13 -15.34 17.52
C GLN B 210 -11.04 -14.33 17.79
N ASP B 211 -9.79 -14.80 18.00
CA ASP B 211 -8.64 -13.90 18.23
C ASP B 211 -8.43 -12.94 17.04
N LEU B 212 -8.50 -13.46 15.81
CA LEU B 212 -8.32 -12.64 14.61
C LEU B 212 -9.47 -11.66 14.41
N THR B 213 -10.67 -11.99 14.92
CA THR B 213 -11.85 -11.15 14.84
C THR B 213 -11.72 -9.99 15.84
N THR B 214 -11.17 -10.27 17.05
CA THR B 214 -10.96 -9.24 18.06
C THR B 214 -9.88 -8.29 17.56
N ALA B 215 -8.79 -8.84 16.97
CA ALA B 215 -7.68 -8.06 16.46
C ALA B 215 -8.13 -7.19 15.30
N LEU B 216 -9.02 -7.72 14.42
CA LEU B 216 -9.53 -6.97 13.28
C LEU B 216 -10.32 -5.73 13.75
N GLY B 217 -11.19 -5.94 14.74
CA GLY B 217 -11.98 -4.87 15.35
C GLY B 217 -11.10 -3.89 16.08
N LEU B 218 -10.02 -4.37 16.72
CA LEU B 218 -9.07 -3.53 17.44
C LEU B 218 -8.26 -2.65 16.48
N VAL B 219 -7.85 -3.18 15.31
CA VAL B 219 -7.11 -2.39 14.31
C VAL B 219 -8.03 -1.30 13.74
N LYS B 220 -9.29 -1.64 13.44
CA LYS B 220 -10.27 -0.68 12.93
C LYS B 220 -10.57 0.40 13.97
N GLU B 221 -10.57 0.05 15.27
CA GLU B 221 -10.78 1.00 16.36
CA GLU B 221 -10.82 1.05 16.31
C GLU B 221 -9.62 2.00 16.35
N LEU B 222 -8.36 1.46 16.23
CA LEU B 222 -7.12 2.23 16.20
C LEU B 222 -7.14 3.20 15.02
N LEU B 223 -7.43 2.70 13.82
CA LEU B 223 -7.53 3.51 12.63
C LEU B 223 -8.55 4.63 12.76
N SER B 224 -9.73 4.33 13.33
CA SER B 224 -10.78 5.33 13.53
CA SER B 224 -10.76 5.35 13.50
C SER B 224 -10.32 6.46 14.45
N ASN B 225 -9.48 6.13 15.46
CA ASN B 225 -8.96 7.10 16.42
C ASN B 225 -7.81 7.90 15.79
N VAL B 226 -6.90 7.25 15.03
CA VAL B 226 -5.80 7.92 14.34
C VAL B 226 -6.37 8.92 13.33
N ASP B 227 -7.41 8.51 12.62
CA ASP B 227 -8.10 9.36 11.66
C ASP B 227 -8.76 10.56 12.35
N GLU B 228 -9.36 10.34 13.52
CA GLU B 228 -10.02 11.42 14.26
C GLU B 228 -9.05 12.44 14.86
N GLY B 229 -7.83 12.02 15.16
CA GLY B 229 -6.82 12.88 15.76
C GLY B 229 -5.90 13.63 14.81
N ILE B 230 -6.15 13.51 13.51
CA ILE B 230 -5.36 14.21 12.51
C ILE B 230 -5.79 15.68 12.40
N TYR B 231 -4.83 16.60 12.23
CA TYR B 231 -5.05 18.04 12.13
C TYR B 231 -3.78 18.62 11.49
N GLN B 232 -3.74 18.70 10.13
CA GLN B 232 -2.59 19.13 9.34
C GLN B 232 -1.93 20.44 9.78
N LEU B 233 -0.61 20.44 9.81
CA LEU B 233 0.22 21.58 10.17
C LEU B 233 0.86 22.22 8.91
N GLU B 234 1.35 23.46 9.02
CA GLU B 234 2.02 24.16 7.92
C GLU B 234 3.08 25.13 8.46
N LYS B 235 4.25 25.22 7.80
CA LYS B 235 5.30 26.13 8.24
C LYS B 235 5.40 27.38 7.35
#